data_3ON3
#
_entry.id   3ON3
#
_cell.length_a   91.332
_cell.length_b   91.332
_cell.length_c   74.191
_cell.angle_alpha   90.00
_cell.angle_beta   90.00
_cell.angle_gamma   120.00
#
_symmetry.space_group_name_H-M   'P 3 2 1'
#
loop_
_entity.id
_entity.type
_entity.pdbx_description
1 polymer 'Keto/oxoacid ferredoxin oxidoreductase, gamma subunit'
2 non-polymer 'SULFATE ION'
3 water water
#
_entity_poly.entity_id   1
_entity_poly.type   'polypeptide(L)'
_entity_poly.pdbx_seq_one_letter_code
;SNAGRYEIRFSGAGGQGLILAGVI(MSE)AEAASIYDGKQAVQSQSYGPEARGGASKSEVIISDGPVDYPKATQCDALLA
LTQEACDKYSADLKEGGVLLVDSDLVTKLPPGNYQTTAFNIINTAKNDVGREIVANIVALGA(MSE)VALTGVVSKEAAE
KAVLSRVPEAFVELNRKAFQ(MSE)GFEKALAAKK
;
_entity_poly.pdbx_strand_id   A,B
#
loop_
_chem_comp.id
_chem_comp.type
_chem_comp.name
_chem_comp.formula
SO4 non-polymer 'SULFATE ION' 'O4 S -2'
#
# COMPACT_ATOMS: atom_id res chain seq x y z
N ARG A 5 18.00 1.15 11.04
CA ARG A 5 18.38 1.26 9.64
C ARG A 5 18.21 -0.09 8.92
N TYR A 6 17.04 -0.69 9.07
CA TYR A 6 16.78 -2.03 8.52
C TYR A 6 15.87 -1.95 7.29
N GLU A 7 16.14 -2.79 6.29
CA GLU A 7 15.27 -2.88 5.13
C GLU A 7 14.82 -4.32 4.88
N ILE A 8 13.51 -4.47 4.65
CA ILE A 8 12.91 -5.78 4.41
C ILE A 8 12.06 -5.73 3.14
N ARG A 9 12.22 -6.73 2.28
CA ARG A 9 11.42 -6.82 1.07
C ARG A 9 10.57 -8.09 1.05
N PHE A 10 9.30 -7.93 0.76
CA PHE A 10 8.37 -9.04 0.67
C PHE A 10 8.01 -9.30 -0.80
N SER A 11 8.59 -10.34 -1.38
CA SER A 11 8.38 -10.62 -2.80
C SER A 11 7.64 -11.94 -3.02
N GLY A 12 6.99 -12.03 -4.18
CA GLY A 12 6.19 -13.17 -4.56
C GLY A 12 5.37 -12.80 -5.78
N ALA A 13 4.17 -13.35 -5.88
CA ALA A 13 3.24 -12.99 -6.95
C ALA A 13 2.25 -11.95 -6.45
N GLY A 14 1.93 -10.97 -7.30
CA GLY A 14 0.89 -10.02 -6.98
C GLY A 14 -0.34 -10.80 -6.60
N GLY A 15 -1.05 -10.36 -5.57
CA GLY A 15 -2.19 -11.09 -5.06
C GLY A 15 -1.88 -11.93 -3.83
N GLN A 16 -0.61 -12.02 -3.47
CA GLN A 16 -0.23 -12.74 -2.25
C GLN A 16 -0.23 -11.85 -1.00
N GLY A 17 -0.55 -10.57 -1.18
CA GLY A 17 -0.68 -9.63 -0.08
C GLY A 17 0.64 -9.09 0.44
N LEU A 18 1.61 -8.96 -0.44
CA LEU A 18 2.92 -8.44 -0.03
C LEU A 18 2.82 -7.02 0.52
N ILE A 19 1.90 -6.23 -0.05
CA ILE A 19 1.74 -4.85 0.36
C ILE A 19 1.21 -4.79 1.78
N LEU A 20 0.11 -5.50 2.02
CA LEU A 20 -0.48 -5.53 3.33
C LEU A 20 0.56 -5.92 4.40
N ALA A 21 1.38 -6.93 4.09
CA ALA A 21 2.40 -7.39 5.03
C ALA A 21 3.45 -6.31 5.32
N GLY A 22 3.82 -5.55 4.29
CA GLY A 22 4.71 -4.42 4.48
C GLY A 22 4.08 -3.32 5.33
N VAL A 23 2.80 -3.05 5.07
CA VAL A 23 2.10 -2.02 5.84
C VAL A 23 2.06 -2.41 7.30
N ILE A 24 1.77 -3.68 7.56
CA ILE A 24 1.75 -4.19 8.94
C ILE A 24 3.07 -4.04 9.67
N MSE A 25 4.17 -4.34 8.98
CA MSE A 25 5.51 -4.21 9.57
C MSE A 25 5.77 -2.76 9.95
O MSE A 25 6.27 -2.48 11.04
CB MSE A 25 6.60 -4.66 8.61
CG MSE A 25 6.88 -6.15 8.61
SE MSE A 25 7.41 -6.82 10.37
CE MSE A 25 8.52 -5.34 10.97
N ALA A 26 5.43 -1.85 9.03
CA ALA A 26 5.62 -0.43 9.25
C ALA A 26 4.83 0.05 10.46
N GLU A 27 3.62 -0.44 10.62
CA GLU A 27 2.76 -0.02 11.72
C GLU A 27 3.17 -0.65 13.05
N ALA A 28 3.64 -1.90 12.98
CA ALA A 28 4.13 -2.58 14.17
C ALA A 28 5.29 -1.79 14.70
N ALA A 29 6.18 -1.42 13.79
CA ALA A 29 7.42 -0.71 14.12
C ALA A 29 7.18 0.72 14.60
N SER A 30 6.15 1.36 14.10
CA SER A 30 5.97 2.79 14.36
C SER A 30 4.85 3.08 15.35
N ILE A 31 3.67 2.52 15.11
CA ILE A 31 2.52 2.73 15.99
C ILE A 31 2.64 2.00 17.32
N TYR A 32 3.34 0.87 17.33
CA TYR A 32 3.42 0.04 18.53
C TYR A 32 4.80 0.01 19.18
N ASP A 33 5.83 0.15 18.36
CA ASP A 33 7.21 0.12 18.84
C ASP A 33 7.85 1.50 18.94
N GLY A 34 7.05 2.54 18.66
CA GLY A 34 7.51 3.91 18.75
C GLY A 34 8.62 4.30 17.79
N LYS A 35 8.96 3.41 16.87
CA LYS A 35 10.01 3.70 15.90
C LYS A 35 9.50 4.48 14.69
N GLN A 36 10.40 4.70 13.74
CA GLN A 36 10.07 5.39 12.51
C GLN A 36 10.04 4.37 11.39
N ALA A 37 9.19 4.60 10.39
CA ALA A 37 9.07 3.68 9.27
C ALA A 37 8.53 4.30 7.96
N VAL A 38 8.92 3.67 6.85
CA VAL A 38 8.42 4.02 5.53
C VAL A 38 8.13 2.74 4.77
N GLN A 39 7.02 2.72 4.04
CA GLN A 39 6.60 1.53 3.32
C GLN A 39 6.34 1.90 1.87
N SER A 40 6.78 1.08 0.94
CA SER A 40 6.64 1.41 -0.47
C SER A 40 6.75 0.24 -1.44
N GLN A 41 6.12 0.42 -2.59
CA GLN A 41 6.25 -0.47 -3.74
C GLN A 41 6.54 0.40 -4.93
N SER A 42 7.46 -0.04 -5.78
CA SER A 42 7.68 0.61 -7.04
C SER A 42 7.25 -0.29 -8.20
N TYR A 43 6.90 0.34 -9.31
CA TYR A 43 6.32 -0.32 -10.47
C TYR A 43 7.04 0.11 -11.74
N GLY A 44 7.40 -0.85 -12.59
CA GLY A 44 7.98 -0.54 -13.88
C GLY A 44 6.94 -0.59 -14.97
N PRO A 45 7.34 -0.25 -16.21
CA PRO A 45 6.45 -0.31 -17.37
C PRO A 45 5.94 -1.74 -17.54
N GLU A 46 6.83 -2.69 -17.32
CA GLU A 46 6.47 -4.09 -17.20
C GLU A 46 6.18 -4.37 -15.73
N ALA A 47 4.89 -4.42 -15.39
CA ALA A 47 4.49 -4.53 -13.99
C ALA A 47 3.60 -5.73 -13.71
N ARG A 48 2.64 -5.99 -14.59
CA ARG A 48 1.76 -7.15 -14.42
C ARG A 48 2.59 -8.43 -14.50
N GLY A 49 3.28 -8.60 -15.62
CA GLY A 49 4.11 -9.76 -15.83
C GLY A 49 5.10 -9.97 -14.69
N GLY A 50 5.43 -11.23 -14.43
CA GLY A 50 6.39 -11.55 -13.39
C GLY A 50 5.81 -11.57 -12.00
N ALA A 51 6.31 -10.70 -11.14
CA ALA A 51 5.99 -10.75 -9.72
C ALA A 51 5.69 -9.38 -9.13
N SER A 52 5.62 -9.33 -7.80
CA SER A 52 5.44 -8.07 -7.08
C SER A 52 6.37 -8.01 -5.86
N LYS A 53 6.86 -6.82 -5.57
CA LYS A 53 7.72 -6.60 -4.42
C LYS A 53 7.32 -5.35 -3.65
N SER A 54 7.18 -5.49 -2.34
CA SER A 54 6.95 -4.34 -1.45
C SER A 54 8.08 -4.26 -0.44
N GLU A 55 8.30 -3.06 0.10
CA GLU A 55 9.45 -2.83 0.97
C GLU A 55 9.08 -2.08 2.22
N VAL A 56 9.83 -2.33 3.30
CA VAL A 56 9.64 -1.61 4.55
C VAL A 56 10.99 -1.20 5.10
N ILE A 57 11.07 0.02 5.61
CA ILE A 57 12.26 0.50 6.27
C ILE A 57 11.93 1.03 7.66
N ILE A 58 12.68 0.54 8.65
CA ILE A 58 12.47 0.90 10.05
C ILE A 58 13.72 1.51 10.67
N SER A 59 13.57 2.68 11.29
CA SER A 59 14.70 3.36 11.92
C SER A 59 14.44 3.64 13.41
N ASP A 60 15.51 3.83 14.17
CA ASP A 60 15.42 4.20 15.57
C ASP A 60 14.84 5.60 15.72
N GLY A 61 14.90 6.37 14.63
CA GLY A 61 14.37 7.72 14.62
C GLY A 61 14.21 8.25 13.20
N GLN A 70 21.02 -2.31 -1.02
CA GLN A 70 20.58 -3.67 -0.75
C GLN A 70 19.95 -3.78 0.63
N CYS A 71 18.91 -4.60 0.75
CA CYS A 71 18.19 -4.78 2.01
C CYS A 71 18.89 -5.74 2.96
N ASP A 72 18.28 -5.93 4.12
CA ASP A 72 18.81 -6.85 5.13
C ASP A 72 18.07 -8.19 5.12
N ALA A 73 16.82 -8.17 4.68
CA ALA A 73 16.03 -9.40 4.65
C ALA A 73 15.14 -9.48 3.41
N LEU A 74 14.98 -10.68 2.88
CA LEU A 74 14.18 -10.88 1.69
C LEU A 74 13.28 -12.11 1.82
N LEU A 75 12.00 -11.90 1.57
CA LEU A 75 11.05 -12.99 1.47
C LEU A 75 10.73 -13.25 0.01
N ALA A 76 10.86 -14.50 -0.41
CA ALA A 76 10.41 -14.87 -1.74
C ALA A 76 9.40 -16.01 -1.64
N LEU A 77 8.14 -15.72 -1.95
CA LEU A 77 7.10 -16.74 -1.92
C LEU A 77 7.06 -17.60 -3.19
N THR A 78 7.54 -17.07 -4.30
CA THR A 78 7.63 -17.84 -5.54
C THR A 78 9.07 -17.90 -6.04
N GLN A 79 9.32 -18.83 -6.96
CA GLN A 79 10.66 -19.07 -7.47
C GLN A 79 11.09 -18.01 -8.48
N GLU A 80 10.12 -17.36 -9.12
CA GLU A 80 10.38 -16.24 -10.03
C GLU A 80 10.88 -15.03 -9.24
N ALA A 81 10.11 -14.65 -8.22
CA ALA A 81 10.46 -13.54 -7.35
C ALA A 81 11.82 -13.80 -6.72
N CYS A 82 12.09 -15.06 -6.41
CA CYS A 82 13.38 -15.49 -5.88
C CYS A 82 14.49 -15.36 -6.94
N ASP A 83 14.12 -15.42 -8.21
CA ASP A 83 15.09 -15.20 -9.27
C ASP A 83 15.34 -13.71 -9.45
N LYS A 84 14.28 -12.91 -9.30
CA LYS A 84 14.38 -11.48 -9.55
C LYS A 84 15.14 -10.72 -8.45
N TYR A 85 14.73 -10.92 -7.20
CA TYR A 85 15.20 -10.05 -6.12
C TYR A 85 16.30 -10.65 -5.28
N SER A 86 16.68 -11.89 -5.59
CA SER A 86 17.73 -12.57 -4.84
C SER A 86 19.03 -11.78 -4.88
N ALA A 87 19.37 -11.28 -6.06
CA ALA A 87 20.59 -10.49 -6.24
C ALA A 87 20.57 -9.30 -5.30
N ASP A 88 19.39 -8.71 -5.13
CA ASP A 88 19.21 -7.54 -4.27
C ASP A 88 19.62 -7.80 -2.81
N LEU A 89 19.39 -9.00 -2.31
CA LEU A 89 19.68 -9.31 -0.91
C LEU A 89 21.17 -9.19 -0.55
N LYS A 90 21.44 -8.58 0.60
CA LYS A 90 22.81 -8.36 1.08
C LYS A 90 23.60 -9.65 1.30
N GLU A 91 24.88 -9.50 1.59
CA GLU A 91 25.75 -10.61 1.96
C GLU A 91 25.46 -11.04 3.40
N GLY A 92 25.18 -12.32 3.60
CA GLY A 92 24.87 -12.84 4.92
C GLY A 92 23.53 -12.35 5.40
N GLY A 93 22.74 -11.83 4.47
CA GLY A 93 21.44 -11.27 4.81
C GLY A 93 20.37 -12.33 5.01
N VAL A 94 19.45 -12.04 5.92
CA VAL A 94 18.34 -12.94 6.19
C VAL A 94 17.57 -13.21 4.91
N LEU A 95 17.27 -14.49 4.66
CA LEU A 95 16.51 -14.88 3.48
C LEU A 95 15.53 -15.98 3.84
N LEU A 96 14.29 -15.82 3.40
CA LEU A 96 13.21 -16.70 3.79
C LEU A 96 12.39 -17.08 2.58
N VAL A 97 12.30 -18.38 2.29
CA VAL A 97 11.61 -18.82 1.10
C VAL A 97 10.61 -19.92 1.40
N ASP A 98 9.60 -20.04 0.55
CA ASP A 98 8.69 -21.17 0.63
C ASP A 98 9.39 -22.36 -0.03
N SER A 99 9.76 -23.34 0.79
CA SER A 99 10.52 -24.50 0.33
C SER A 99 9.79 -25.37 -0.69
N ASP A 100 8.53 -25.03 -0.97
CA ASP A 100 7.75 -25.79 -1.95
C ASP A 100 7.83 -25.16 -3.35
N LEU A 101 7.67 -23.83 -3.42
CA LEU A 101 7.71 -23.12 -4.68
C LEU A 101 9.13 -22.74 -5.08
N VAL A 102 9.96 -22.47 -4.09
CA VAL A 102 11.36 -22.17 -4.34
C VAL A 102 12.18 -23.44 -4.20
N THR A 103 12.16 -24.24 -5.25
CA THR A 103 12.86 -25.53 -5.28
C THR A 103 14.14 -25.40 -6.09
N LYS A 104 14.58 -24.16 -6.28
CA LYS A 104 15.84 -23.88 -6.96
C LYS A 104 16.41 -22.60 -6.36
N LEU A 105 17.40 -22.75 -5.49
CA LEU A 105 17.95 -21.64 -4.74
C LEU A 105 19.06 -20.92 -5.50
N PRO A 106 19.12 -19.59 -5.37
CA PRO A 106 20.20 -18.80 -5.98
C PRO A 106 21.49 -18.91 -5.18
N PRO A 107 22.64 -18.85 -5.86
CA PRO A 107 23.93 -18.87 -5.17
C PRO A 107 24.14 -17.56 -4.43
N GLY A 108 24.58 -17.63 -3.17
CA GLY A 108 24.82 -16.44 -2.39
C GLY A 108 24.95 -16.75 -0.92
N ASN A 109 25.76 -15.95 -0.23
CA ASN A 109 26.05 -16.16 1.18
C ASN A 109 24.88 -15.72 2.07
N TYR A 110 23.72 -16.36 1.89
CA TYR A 110 22.51 -15.94 2.61
C TYR A 110 22.20 -16.81 3.82
N GLN A 111 21.77 -16.16 4.91
CA GLN A 111 21.25 -16.87 6.08
C GLN A 111 19.84 -17.31 5.77
N THR A 112 19.66 -18.60 5.50
CA THR A 112 18.41 -19.05 4.93
C THR A 112 17.51 -19.87 5.84
N THR A 113 16.21 -19.54 5.78
CA THR A 113 15.17 -20.33 6.39
C THR A 113 14.16 -20.68 5.31
N ALA A 114 13.81 -21.95 5.20
CA ALA A 114 12.90 -22.40 4.14
C ALA A 114 11.91 -23.46 4.61
N PHE A 115 10.63 -23.15 4.54
CA PHE A 115 9.62 -24.17 4.83
C PHE A 115 8.37 -23.97 3.99
N ASN A 116 7.35 -24.77 4.28
CA ASN A 116 6.11 -24.69 3.52
C ASN A 116 5.20 -23.56 4.02
N ILE A 117 5.57 -22.33 3.69
CA ILE A 117 4.81 -21.16 4.13
C ILE A 117 3.37 -21.16 3.62
N ILE A 118 3.20 -21.31 2.31
CA ILE A 118 1.87 -21.38 1.69
C ILE A 118 1.07 -22.58 2.19
N ASN A 119 1.68 -23.77 2.12
CA ASN A 119 1.04 -24.99 2.61
C ASN A 119 0.70 -24.94 4.11
N THR A 120 1.49 -24.21 4.88
CA THR A 120 1.14 -23.96 6.29
C THR A 120 -0.19 -23.22 6.39
N ALA A 121 -0.42 -22.30 5.46
CA ALA A 121 -1.65 -21.50 5.47
C ALA A 121 -2.84 -22.34 5.02
N LYS A 122 -2.72 -22.90 3.82
CA LYS A 122 -3.77 -23.72 3.22
C LYS A 122 -4.04 -25.05 3.96
N ASN A 123 -2.99 -25.70 4.47
CA ASN A 123 -3.16 -27.02 5.08
C ASN A 123 -3.34 -27.02 6.61
N ASP A 124 -2.71 -26.08 7.30
CA ASP A 124 -2.76 -26.06 8.76
C ASP A 124 -3.77 -25.05 9.33
N VAL A 125 -3.81 -23.87 8.73
CA VAL A 125 -4.72 -22.80 9.19
C VAL A 125 -6.08 -22.88 8.51
N GLY A 126 -6.08 -23.30 7.26
CA GLY A 126 -7.31 -23.50 6.51
C GLY A 126 -7.51 -22.52 5.36
N ARG A 127 -6.78 -21.41 5.40
CA ARG A 127 -6.87 -20.39 4.35
C ARG A 127 -5.50 -20.09 3.73
N GLU A 128 -5.35 -20.46 2.48
CA GLU A 128 -4.12 -20.27 1.73
C GLU A 128 -3.77 -18.80 1.55
N ILE A 129 -4.78 -17.93 1.59
CA ILE A 129 -4.61 -16.51 1.32
C ILE A 129 -4.09 -15.72 2.51
N VAL A 130 -3.73 -16.42 3.59
CA VAL A 130 -3.17 -15.76 4.77
C VAL A 130 -1.69 -16.11 4.83
N ALA A 131 -1.19 -16.66 3.73
CA ALA A 131 0.21 -17.01 3.58
C ALA A 131 1.12 -15.85 3.92
N ASN A 132 0.76 -14.66 3.48
CA ASN A 132 1.54 -13.45 3.76
C ASN A 132 1.76 -13.25 5.25
N ILE A 133 0.75 -13.59 6.05
CA ILE A 133 0.80 -13.42 7.50
C ILE A 133 1.72 -14.47 8.12
N VAL A 134 1.64 -15.68 7.59
CA VAL A 134 2.54 -16.74 8.00
C VAL A 134 3.96 -16.26 7.76
N ALA A 135 4.19 -15.71 6.57
CA ALA A 135 5.50 -15.19 6.21
C ALA A 135 5.89 -14.09 7.18
N LEU A 136 4.94 -13.20 7.42
CA LEU A 136 5.12 -12.08 8.34
C LEU A 136 5.51 -12.51 9.75
N GLY A 137 4.92 -13.59 10.23
CA GLY A 137 5.27 -14.12 11.54
C GLY A 137 6.70 -14.60 11.55
N ALA A 138 7.08 -15.34 10.52
CA ALA A 138 8.44 -15.83 10.36
C ALA A 138 9.44 -14.68 10.26
N MSE A 139 9.07 -13.64 9.54
CA MSE A 139 9.95 -12.47 9.36
C MSE A 139 10.31 -11.77 10.67
O MSE A 139 11.47 -11.45 10.92
CB MSE A 139 9.34 -11.46 8.37
CG MSE A 139 9.44 -11.89 6.91
SE MSE A 139 11.27 -12.29 6.30
CE MSE A 139 12.24 -10.96 7.34
N VAL A 140 9.32 -11.55 11.52
CA VAL A 140 9.55 -10.96 12.83
C VAL A 140 10.43 -11.83 13.73
N ALA A 141 10.28 -13.15 13.61
CA ALA A 141 11.08 -14.05 14.44
C ALA A 141 12.56 -13.96 14.06
N LEU A 142 12.84 -13.83 12.77
CA LEU A 142 14.22 -13.84 12.28
C LEU A 142 14.92 -12.51 12.48
N THR A 143 14.37 -11.47 11.88
CA THR A 143 14.95 -10.14 11.92
C THR A 143 15.01 -9.59 13.34
N GLY A 144 13.92 -9.76 14.08
CA GLY A 144 13.81 -9.19 15.40
C GLY A 144 13.87 -7.66 15.35
N VAL A 145 13.27 -7.10 14.29
CA VAL A 145 13.29 -5.65 14.10
C VAL A 145 12.16 -4.98 14.89
N VAL A 146 11.09 -5.73 15.11
CA VAL A 146 9.99 -5.27 15.96
C VAL A 146 9.66 -6.32 17.02
N SER A 147 9.10 -5.88 18.14
CA SER A 147 8.72 -6.83 19.18
C SER A 147 7.58 -7.68 18.65
N LYS A 148 7.41 -8.86 19.23
CA LYS A 148 6.42 -9.80 18.78
C LYS A 148 5.06 -9.17 18.99
N GLU A 149 4.88 -8.59 20.16
CA GLU A 149 3.59 -8.04 20.56
C GLU A 149 3.14 -6.89 19.65
N ALA A 150 4.10 -6.11 19.19
CA ALA A 150 3.81 -5.01 18.29
C ALA A 150 3.30 -5.55 16.97
N ALA A 151 3.98 -6.60 16.46
CA ALA A 151 3.57 -7.21 15.20
C ALA A 151 2.22 -7.90 15.33
N GLU A 152 2.01 -8.59 16.45
CA GLU A 152 0.73 -9.22 16.77
C GLU A 152 -0.41 -8.19 16.84
N LYS A 153 -0.14 -7.02 17.42
CA LYS A 153 -1.14 -5.97 17.54
C LYS A 153 -1.41 -5.33 16.19
N ALA A 154 -0.36 -5.03 15.45
CA ALA A 154 -0.49 -4.42 14.15
C ALA A 154 -1.27 -5.32 13.20
N VAL A 155 -1.07 -6.63 13.33
CA VAL A 155 -1.83 -7.60 12.54
C VAL A 155 -3.32 -7.47 12.83
N LEU A 156 -3.68 -7.42 14.10
CA LEU A 156 -5.09 -7.43 14.54
C LEU A 156 -5.88 -6.21 14.09
N SER A 157 -5.22 -5.08 14.00
CA SER A 157 -5.89 -3.86 13.57
C SER A 157 -6.13 -3.88 12.05
N ARG A 158 -5.41 -4.73 11.33
CA ARG A 158 -5.44 -4.66 9.87
C ARG A 158 -5.76 -5.96 9.14
N VAL A 159 -6.22 -6.98 9.86
CA VAL A 159 -6.85 -8.11 9.22
C VAL A 159 -8.35 -7.93 9.39
N PRO A 160 -9.14 -8.68 8.60
CA PRO A 160 -10.59 -8.67 8.76
C PRO A 160 -10.99 -9.18 10.13
N GLU A 161 -11.67 -8.36 10.92
CA GLU A 161 -12.04 -8.75 12.27
C GLU A 161 -12.51 -10.22 12.36
N ALA A 162 -13.32 -10.64 11.40
CA ALA A 162 -13.93 -11.97 11.44
C ALA A 162 -12.98 -13.08 10.98
N PHE A 163 -11.80 -12.69 10.50
CA PHE A 163 -10.74 -13.63 10.18
C PHE A 163 -9.62 -13.50 11.19
N VAL A 164 -9.87 -12.69 12.22
CA VAL A 164 -8.84 -12.39 13.21
C VAL A 164 -8.11 -13.62 13.74
N GLU A 165 -8.85 -14.58 14.28
CA GLU A 165 -8.22 -15.73 14.92
C GLU A 165 -7.37 -16.51 13.93
N LEU A 166 -7.93 -16.81 12.76
CA LEU A 166 -7.15 -17.50 11.74
C LEU A 166 -5.83 -16.78 11.47
N ASN A 167 -5.89 -15.47 11.41
CA ASN A 167 -4.71 -14.64 11.21
C ASN A 167 -3.74 -14.69 12.42
N ARG A 168 -4.29 -14.72 13.62
CA ARG A 168 -3.43 -14.86 14.79
C ARG A 168 -2.64 -16.16 14.74
N LYS A 169 -3.31 -17.25 14.38
CA LYS A 169 -2.68 -18.55 14.24
C LYS A 169 -1.65 -18.56 13.12
N ALA A 170 -1.98 -17.92 12.01
CA ALA A 170 -1.07 -17.87 10.87
C ALA A 170 0.23 -17.18 11.27
N PHE A 171 0.09 -16.02 11.91
CA PHE A 171 1.24 -15.29 12.43
C PHE A 171 2.03 -16.13 13.44
N GLN A 172 1.32 -16.78 14.35
CA GLN A 172 1.96 -17.56 15.41
C GLN A 172 2.70 -18.77 14.84
N MSE A 173 2.07 -19.42 13.86
CA MSE A 173 2.65 -20.59 13.23
C MSE A 173 3.85 -20.23 12.37
O MSE A 173 4.84 -20.96 12.31
CB MSE A 173 1.61 -21.31 12.37
CG MSE A 173 0.56 -22.07 13.18
SE MSE A 173 -0.31 -23.45 12.12
CE MSE A 173 1.28 -24.43 11.56
N GLY A 174 3.77 -19.10 11.67
CA GLY A 174 4.89 -18.66 10.87
C GLY A 174 6.05 -18.39 11.79
N PHE A 175 5.75 -17.72 12.90
CA PHE A 175 6.76 -17.39 13.89
C PHE A 175 7.38 -18.65 14.48
N GLU A 176 6.55 -19.64 14.78
CA GLU A 176 7.00 -20.90 15.38
C GLU A 176 7.89 -21.70 14.43
N LYS A 177 7.34 -21.99 13.25
CA LYS A 177 8.06 -22.78 12.26
C LYS A 177 9.37 -22.11 11.85
N ALA A 178 9.39 -20.78 11.90
CA ALA A 178 10.59 -20.01 11.55
C ALA A 178 11.73 -20.31 12.50
N LEU A 179 11.45 -20.27 13.81
CA LEU A 179 12.44 -20.56 14.83
C LEU A 179 12.84 -22.02 14.86
N ALA A 180 11.88 -22.88 14.49
CA ALA A 180 12.14 -24.31 14.44
C ALA A 180 12.97 -24.67 13.21
N ALA A 181 12.72 -24.01 12.09
CA ALA A 181 13.46 -24.31 10.86
C ALA A 181 14.94 -23.95 10.97
N ALA B 3 8.98 14.33 -20.51
CA ALA B 3 8.92 13.56 -19.28
C ALA B 3 8.76 14.47 -18.07
N GLY B 4 9.02 13.91 -16.88
CA GLY B 4 8.92 14.68 -15.66
C GLY B 4 8.08 14.00 -14.60
N ARG B 5 8.51 14.09 -13.35
CA ARG B 5 7.79 13.45 -12.25
C ARG B 5 6.56 14.24 -11.86
N TYR B 6 5.48 13.53 -11.53
CA TYR B 6 4.25 14.16 -11.09
C TYR B 6 3.80 13.49 -9.81
N GLU B 7 3.64 14.28 -8.75
CA GLU B 7 3.36 13.75 -7.42
C GLU B 7 1.96 14.07 -6.89
N ILE B 8 1.26 13.03 -6.43
CA ILE B 8 -0.05 13.22 -5.85
C ILE B 8 0.00 12.74 -4.40
N ARG B 9 -0.71 13.43 -3.52
CA ARG B 9 -0.85 12.93 -2.16
C ARG B 9 -2.31 12.81 -1.81
N PHE B 10 -2.62 11.71 -1.13
CA PHE B 10 -3.97 11.46 -0.68
C PHE B 10 -3.92 11.57 0.82
N SER B 11 -4.56 12.59 1.38
CA SER B 11 -4.52 12.78 2.81
C SER B 11 -5.91 12.85 3.43
N GLY B 12 -5.96 12.56 4.71
CA GLY B 12 -7.19 12.58 5.45
C GLY B 12 -6.92 11.93 6.78
N ALA B 13 -7.75 10.97 7.15
CA ALA B 13 -7.62 10.31 8.43
C ALA B 13 -7.27 8.84 8.23
N GLY B 14 -6.95 8.19 9.33
CA GLY B 14 -6.40 6.84 9.31
C GLY B 14 -7.20 5.77 8.64
N GLY B 15 -8.46 5.60 8.99
CA GLY B 15 -9.21 4.51 8.40
C GLY B 15 -9.91 4.84 7.08
N GLN B 16 -9.35 5.76 6.30
CA GLN B 16 -10.07 6.21 5.10
C GLN B 16 -9.67 5.51 3.78
N GLY B 17 -8.67 4.63 3.86
CA GLY B 17 -8.23 3.87 2.70
C GLY B 17 -7.30 4.64 1.77
N LEU B 18 -6.48 5.49 2.35
CA LEU B 18 -5.56 6.33 1.59
C LEU B 18 -4.45 5.53 0.93
N ILE B 19 -4.06 4.43 1.57
CA ILE B 19 -2.98 3.60 1.06
C ILE B 19 -3.48 2.92 -0.20
N LEU B 20 -4.68 2.36 -0.10
CA LEU B 20 -5.29 1.67 -1.23
C LEU B 20 -5.39 2.64 -2.41
N ALA B 21 -5.87 3.84 -2.14
CA ALA B 21 -6.00 4.83 -3.23
C ALA B 21 -4.65 5.06 -3.88
N GLY B 22 -3.64 5.25 -3.06
CA GLY B 22 -2.28 5.41 -3.54
C GLY B 22 -1.87 4.22 -4.38
N VAL B 23 -2.14 3.03 -3.86
CA VAL B 23 -1.78 1.82 -4.58
C VAL B 23 -2.49 1.70 -5.94
N ILE B 24 -3.81 1.88 -5.93
CA ILE B 24 -4.61 1.93 -7.15
C ILE B 24 -4.05 2.93 -8.19
N MSE B 25 -3.74 4.15 -7.74
CA MSE B 25 -3.16 5.15 -8.63
C MSE B 25 -1.82 4.71 -9.23
O MSE B 25 -1.56 4.96 -10.40
CB MSE B 25 -2.97 6.50 -7.92
CG MSE B 25 -4.13 7.46 -8.05
SE MSE B 25 -4.45 8.16 -9.85
CE MSE B 25 -2.63 8.07 -10.52
N ALA B 26 -0.96 4.10 -8.40
CA ALA B 26 0.33 3.64 -8.86
C ALA B 26 0.22 2.53 -9.92
N GLU B 27 -0.69 1.59 -9.69
CA GLU B 27 -0.90 0.47 -10.62
C GLU B 27 -1.65 0.89 -11.90
N ALA B 28 -2.49 1.93 -11.80
CA ALA B 28 -3.14 2.48 -12.99
C ALA B 28 -2.06 2.99 -13.92
N ALA B 29 -1.11 3.73 -13.36
CA ALA B 29 -0.04 4.31 -14.15
C ALA B 29 0.89 3.29 -14.79
N SER B 30 1.27 2.27 -14.04
CA SER B 30 2.36 1.39 -14.47
C SER B 30 1.84 0.12 -15.16
N ILE B 31 1.13 -0.71 -14.41
CA ILE B 31 0.53 -1.90 -14.98
C ILE B 31 -0.33 -1.59 -16.21
N TYR B 32 -1.20 -0.58 -16.10
CA TYR B 32 -2.15 -0.29 -17.18
C TYR B 32 -1.74 0.83 -18.11
N ASP B 33 -1.19 1.92 -17.60
CA ASP B 33 -0.86 3.04 -18.49
C ASP B 33 0.56 3.00 -19.05
N GLY B 34 1.37 2.04 -18.59
CA GLY B 34 2.70 1.87 -19.11
C GLY B 34 3.74 2.84 -18.56
N LYS B 35 3.38 3.56 -17.51
CA LYS B 35 4.36 4.46 -16.89
C LYS B 35 5.09 3.79 -15.72
N GLN B 36 5.95 4.55 -15.06
CA GLN B 36 6.62 4.10 -13.85
C GLN B 36 5.93 4.75 -12.67
N ALA B 37 6.00 4.13 -11.51
CA ALA B 37 5.36 4.72 -10.35
C ALA B 37 5.90 4.17 -9.05
N VAL B 38 5.86 5.01 -8.03
CA VAL B 38 6.27 4.62 -6.69
C VAL B 38 5.19 5.09 -5.73
N GLN B 39 4.77 4.19 -4.85
CA GLN B 39 3.74 4.51 -3.86
C GLN B 39 4.31 4.26 -2.47
N SER B 40 4.01 5.13 -1.51
CA SER B 40 4.63 5.02 -0.19
C SER B 40 3.91 5.85 0.86
N GLN B 41 4.13 5.49 2.12
CA GLN B 41 3.62 6.23 3.26
C GLN B 41 4.64 6.22 4.39
N SER B 42 4.77 7.36 5.06
CA SER B 42 5.67 7.51 6.20
C SER B 42 4.93 7.46 7.52
N TYR B 43 5.59 6.89 8.53
CA TYR B 43 5.10 6.87 9.91
C TYR B 43 6.15 7.45 10.84
N GLY B 44 5.70 8.13 11.89
CA GLY B 44 6.58 8.68 12.91
C GLY B 44 5.89 9.70 13.81
N PRO B 45 5.50 9.28 15.03
CA PRO B 45 4.72 10.13 15.94
C PRO B 45 5.55 11.27 16.50
N ARG B 48 -0.13 6.38 15.50
CA ARG B 48 0.21 7.40 14.52
C ARG B 48 -1.04 8.07 13.95
N GLY B 49 -1.81 8.68 14.85
CA GLY B 49 -3.04 9.37 14.47
C GLY B 49 -2.81 10.76 13.89
N GLY B 50 -3.79 11.63 14.10
CA GLY B 50 -3.77 12.94 13.46
C GLY B 50 -4.08 12.77 11.98
N ALA B 51 -3.82 13.82 11.20
CA ALA B 51 -3.98 13.78 9.74
C ALA B 51 -2.85 12.96 9.12
N SER B 52 -3.19 12.16 8.12
CA SER B 52 -2.20 11.25 7.55
C SER B 52 -2.24 11.31 6.03
N LYS B 53 -1.19 10.80 5.40
CA LYS B 53 -1.11 10.84 3.94
C LYS B 53 -0.39 9.63 3.37
N SER B 54 -0.72 9.33 2.12
CA SER B 54 0.06 8.41 1.31
C SER B 54 0.44 9.15 0.03
N GLU B 55 1.54 8.77 -0.58
CA GLU B 55 2.05 9.50 -1.73
C GLU B 55 2.16 8.62 -2.97
N VAL B 56 2.04 9.24 -4.14
CA VAL B 56 2.34 8.55 -5.38
C VAL B 56 3.08 9.48 -6.33
N ILE B 57 4.12 8.95 -6.94
CA ILE B 57 4.91 9.70 -7.90
C ILE B 57 4.92 8.90 -9.18
N ILE B 58 4.54 9.55 -10.26
CA ILE B 58 4.39 8.91 -11.56
C ILE B 58 5.28 9.62 -12.54
N SER B 59 5.84 8.89 -13.50
CA SER B 59 6.66 9.54 -14.50
C SER B 59 6.83 8.66 -15.73
N ASP B 60 7.03 9.32 -16.87
CA ASP B 60 7.35 8.63 -18.11
C ASP B 60 8.68 7.91 -17.98
N GLY B 61 9.53 8.42 -17.08
CA GLY B 61 10.80 7.79 -16.81
C GLY B 61 10.90 7.22 -15.42
N PRO B 62 12.13 7.08 -14.92
CA PRO B 62 12.46 6.62 -13.56
C PRO B 62 11.81 7.47 -12.49
N VAL B 63 11.43 6.83 -11.39
CA VAL B 63 10.69 7.49 -10.31
C VAL B 63 11.20 7.01 -8.94
N ASP B 64 12.48 7.22 -8.66
CA ASP B 64 13.05 6.77 -7.39
C ASP B 64 13.00 7.83 -6.31
N THR B 69 9.81 16.70 -3.66
CA THR B 69 9.63 17.93 -2.89
C THR B 69 8.17 18.38 -2.89
N GLN B 70 7.88 19.49 -3.57
CA GLN B 70 6.51 19.98 -3.67
C GLN B 70 5.67 19.05 -4.53
N CYS B 71 4.43 18.84 -4.11
CA CYS B 71 3.56 17.94 -4.86
C CYS B 71 2.67 18.69 -5.85
N ASP B 72 2.17 17.97 -6.84
CA ASP B 72 1.45 18.60 -7.94
C ASP B 72 -0.03 18.60 -7.68
N ALA B 73 -0.48 17.70 -6.81
CA ALA B 73 -1.89 17.55 -6.53
C ALA B 73 -2.07 17.01 -5.13
N LEU B 74 -3.15 17.41 -4.47
CA LEU B 74 -3.35 16.97 -3.10
C LEU B 74 -4.82 16.71 -2.78
N LEU B 75 -5.10 15.52 -2.28
CA LEU B 75 -6.42 15.23 -1.75
C LEU B 75 -6.39 15.43 -0.25
N ALA B 76 -7.39 16.13 0.28
CA ALA B 76 -7.57 16.25 1.72
C ALA B 76 -9.02 15.97 2.11
N LEU B 77 -9.25 14.86 2.80
CA LEU B 77 -10.61 14.49 3.19
C LEU B 77 -11.02 15.11 4.53
N THR B 78 -10.05 15.64 5.27
CA THR B 78 -10.30 16.31 6.55
C THR B 78 -9.61 17.67 6.63
N GLN B 79 -10.18 18.58 7.42
CA GLN B 79 -9.60 19.90 7.69
C GLN B 79 -8.16 19.81 8.19
N GLU B 80 -7.95 18.91 9.13
CA GLU B 80 -6.64 18.52 9.64
C GLU B 80 -5.61 18.20 8.55
N ALA B 81 -6.00 17.36 7.60
CA ALA B 81 -5.14 17.00 6.47
C ALA B 81 -4.81 18.24 5.63
N CYS B 82 -5.83 19.04 5.39
CA CYS B 82 -5.68 20.23 4.57
C CYS B 82 -4.76 21.24 5.25
N ASP B 83 -5.01 21.48 6.54
CA ASP B 83 -4.17 22.34 7.35
C ASP B 83 -2.72 21.86 7.32
N LYS B 84 -2.52 20.59 7.64
CA LYS B 84 -1.21 19.98 7.71
C LYS B 84 -0.45 19.91 6.37
N TYR B 85 -1.16 19.68 5.28
CA TYR B 85 -0.47 19.28 4.06
C TYR B 85 -0.43 20.27 2.89
N SER B 86 -1.30 21.29 2.92
CA SER B 86 -1.44 22.21 1.80
C SER B 86 -0.16 22.99 1.48
N ALA B 87 0.67 23.24 2.49
CA ALA B 87 1.88 24.01 2.30
C ALA B 87 2.83 23.39 1.28
N ASP B 88 2.75 22.07 1.15
CA ASP B 88 3.61 21.33 0.23
C ASP B 88 3.11 21.42 -1.22
N LEU B 89 1.80 21.59 -1.38
CA LEU B 89 1.22 21.66 -2.72
C LEU B 89 1.70 22.88 -3.49
N LYS B 90 2.30 22.66 -4.66
CA LYS B 90 2.86 23.75 -5.45
C LYS B 90 1.75 24.72 -5.87
N GLU B 91 2.12 25.98 -6.08
CA GLU B 91 1.16 27.00 -6.52
C GLU B 91 0.57 26.65 -7.88
N GLY B 92 -0.75 26.78 -7.98
CA GLY B 92 -1.47 26.38 -9.19
C GLY B 92 -1.70 24.88 -9.23
N GLY B 93 -1.27 24.18 -8.18
CA GLY B 93 -1.44 22.74 -8.10
C GLY B 93 -2.89 22.39 -7.84
N VAL B 94 -3.21 21.12 -8.03
CA VAL B 94 -4.58 20.62 -7.85
C VAL B 94 -4.90 20.41 -6.38
N LEU B 95 -5.96 21.03 -5.91
CA LEU B 95 -6.37 20.85 -4.53
C LEU B 95 -7.77 20.31 -4.48
N LEU B 96 -7.92 19.06 -4.07
CA LEU B 96 -9.23 18.44 -3.97
C LEU B 96 -9.55 18.15 -2.52
N VAL B 97 -10.66 18.70 -2.05
CA VAL B 97 -11.07 18.50 -0.67
C VAL B 97 -12.50 18.01 -0.59
N ASP B 98 -12.89 17.47 0.56
CA ASP B 98 -14.30 17.23 0.83
C ASP B 98 -14.93 18.52 1.38
N SER B 99 -16.08 18.90 0.84
CA SER B 99 -16.65 20.22 1.13
C SER B 99 -17.44 20.28 2.43
N ASP B 100 -17.92 19.14 2.90
CA ASP B 100 -18.62 19.06 4.17
C ASP B 100 -17.64 19.23 5.33
N LEU B 101 -16.48 18.61 5.19
CA LEU B 101 -15.53 18.50 6.28
C LEU B 101 -14.40 19.51 6.18
N VAL B 102 -14.01 19.87 4.97
CA VAL B 102 -13.02 20.92 4.80
C VAL B 102 -13.77 22.22 4.52
N THR B 103 -14.14 22.91 5.59
CA THR B 103 -14.95 24.12 5.48
C THR B 103 -14.08 25.37 5.49
N LYS B 104 -12.88 25.25 6.07
CA LYS B 104 -11.94 26.36 6.06
C LYS B 104 -10.86 26.10 5.01
N LEU B 105 -10.91 26.87 3.94
CA LEU B 105 -10.01 26.71 2.83
C LEU B 105 -8.69 27.44 3.08
N PRO B 106 -7.58 26.85 2.63
CA PRO B 106 -6.23 27.36 2.90
C PRO B 106 -5.91 28.69 2.21
N PRO B 107 -4.98 29.46 2.75
CA PRO B 107 -4.44 30.59 2.00
C PRO B 107 -3.56 30.03 0.89
N GLY B 108 -3.55 30.69 -0.26
CA GLY B 108 -2.73 30.25 -1.37
C GLY B 108 -3.49 30.15 -2.67
N ASN B 109 -2.76 30.23 -3.78
CA ASN B 109 -3.31 30.03 -5.10
C ASN B 109 -3.28 28.55 -5.50
N TYR B 110 -4.45 27.93 -5.62
CA TYR B 110 -4.55 26.53 -6.04
C TYR B 110 -5.75 26.31 -6.96
N GLN B 111 -5.62 25.41 -7.93
CA GLN B 111 -6.80 24.99 -8.70
C GLN B 111 -7.61 24.12 -7.75
N THR B 112 -8.59 24.75 -7.10
CA THR B 112 -9.31 24.11 -6.01
C THR B 112 -10.67 23.58 -6.44
N THR B 113 -10.91 22.31 -6.12
CA THR B 113 -12.21 21.70 -6.34
C THR B 113 -12.70 21.10 -5.06
N ALA B 114 -13.98 21.31 -4.76
CA ALA B 114 -14.56 20.82 -3.52
C ALA B 114 -15.93 20.24 -3.77
N PHE B 115 -16.16 19.02 -3.29
CA PHE B 115 -17.51 18.45 -3.31
C PHE B 115 -17.68 17.46 -2.19
N ASN B 116 -18.91 16.99 -2.04
CA ASN B 116 -19.25 16.08 -0.95
C ASN B 116 -18.77 14.66 -1.18
N ILE B 117 -17.45 14.49 -1.25
CA ILE B 117 -16.83 13.19 -1.50
C ILE B 117 -17.35 12.08 -0.60
N ILE B 118 -17.32 12.33 0.70
CA ILE B 118 -17.68 11.31 1.67
C ILE B 118 -19.15 10.96 1.55
N ASN B 119 -19.97 12.00 1.35
CA ASN B 119 -21.40 11.84 1.32
C ASN B 119 -21.89 11.27 0.00
N THR B 120 -21.15 11.54 -1.06
CA THR B 120 -21.39 10.86 -2.32
C THR B 120 -21.27 9.34 -2.07
N ALA B 121 -20.14 8.91 -1.52
CA ALA B 121 -19.93 7.51 -1.20
C ALA B 121 -21.04 6.98 -0.32
N LYS B 122 -21.37 7.73 0.73
CA LYS B 122 -22.32 7.27 1.74
C LYS B 122 -23.77 7.23 1.23
N ASN B 123 -24.22 8.28 0.57
CA ASN B 123 -25.63 8.40 0.20
C ASN B 123 -25.99 8.02 -1.24
N ASP B 124 -25.12 8.37 -2.17
CA ASP B 124 -25.39 8.09 -3.57
C ASP B 124 -25.05 6.64 -3.92
N VAL B 125 -23.85 6.21 -3.58
CA VAL B 125 -23.42 4.85 -3.82
C VAL B 125 -24.03 3.91 -2.77
N GLY B 126 -24.22 4.43 -1.56
CA GLY B 126 -24.73 3.61 -0.47
C GLY B 126 -23.68 2.75 0.24
N ARG B 127 -22.40 3.10 0.11
CA ARG B 127 -21.33 2.44 0.86
C ARG B 127 -20.21 3.40 1.28
N GLU B 128 -20.40 3.99 2.46
CA GLU B 128 -19.48 5.01 2.99
C GLU B 128 -17.99 4.68 2.80
N ILE B 129 -17.58 3.45 3.11
CA ILE B 129 -16.17 3.08 3.05
C ILE B 129 -15.49 3.26 1.69
N VAL B 130 -16.26 3.42 0.63
CA VAL B 130 -15.61 3.53 -0.68
C VAL B 130 -15.39 4.99 -1.04
N ALA B 131 -15.43 5.85 -0.03
CA ALA B 131 -15.20 7.29 -0.26
C ALA B 131 -13.86 7.53 -0.93
N ASN B 132 -12.86 6.73 -0.55
CA ASN B 132 -11.56 6.78 -1.21
C ASN B 132 -11.61 6.48 -2.71
N ILE B 133 -12.60 5.70 -3.13
CA ILE B 133 -12.76 5.35 -4.56
C ILE B 133 -13.38 6.53 -5.28
N VAL B 134 -14.39 7.13 -4.66
CA VAL B 134 -14.91 8.42 -5.13
C VAL B 134 -13.80 9.46 -5.36
N ALA B 135 -12.93 9.62 -4.37
CA ALA B 135 -11.87 10.62 -4.44
C ALA B 135 -10.89 10.28 -5.55
N LEU B 136 -10.69 8.99 -5.77
CA LEU B 136 -9.76 8.50 -6.76
C LEU B 136 -10.28 8.81 -8.17
N GLY B 137 -11.58 8.61 -8.35
CA GLY B 137 -12.24 9.00 -9.60
C GLY B 137 -12.11 10.49 -9.81
N ALA B 138 -12.31 11.24 -8.73
CA ALA B 138 -12.18 12.69 -8.80
C ALA B 138 -10.75 13.11 -9.16
N MSE B 139 -9.76 12.46 -8.55
CA MSE B 139 -8.34 12.79 -8.75
C MSE B 139 -7.89 12.49 -10.16
O MSE B 139 -7.02 13.19 -10.70
CB MSE B 139 -7.45 12.01 -7.78
CG MSE B 139 -6.96 12.78 -6.60
SE MSE B 139 -6.05 14.48 -7.01
CE MSE B 139 -6.86 15.36 -5.52
N VAL B 140 -8.44 11.44 -10.74
CA VAL B 140 -8.13 11.05 -12.13
C VAL B 140 -8.71 12.10 -13.07
N ALA B 141 -9.98 12.45 -12.87
CA ALA B 141 -10.62 13.52 -13.64
C ALA B 141 -9.79 14.82 -13.63
N LEU B 142 -9.40 15.27 -12.44
CA LEU B 142 -8.70 16.57 -12.29
C LEU B 142 -7.24 16.61 -12.77
N THR B 143 -6.49 15.53 -12.61
CA THR B 143 -5.06 15.57 -12.95
C THR B 143 -4.78 15.14 -14.38
N GLY B 144 -5.60 14.24 -14.90
CA GLY B 144 -5.35 13.58 -16.16
C GLY B 144 -4.02 12.85 -16.17
N VAL B 145 -3.55 12.40 -15.01
CA VAL B 145 -2.23 11.77 -14.96
C VAL B 145 -2.26 10.36 -15.57
N VAL B 146 -3.39 9.67 -15.41
CA VAL B 146 -3.60 8.35 -16.01
C VAL B 146 -4.90 8.36 -16.79
N SER B 147 -5.03 7.46 -17.79
CA SER B 147 -6.27 7.36 -18.54
C SER B 147 -7.37 6.90 -17.59
N LYS B 148 -8.60 7.25 -17.91
CA LYS B 148 -9.75 6.80 -17.14
C LYS B 148 -9.79 5.26 -17.17
N GLU B 149 -9.46 4.68 -18.33
CA GLU B 149 -9.44 3.23 -18.45
C GLU B 149 -8.42 2.57 -17.51
N ALA B 150 -7.20 3.11 -17.45
CA ALA B 150 -6.14 2.61 -16.57
C ALA B 150 -6.60 2.58 -15.12
N ALA B 151 -7.17 3.71 -14.70
CA ALA B 151 -7.62 3.86 -13.32
C ALA B 151 -8.77 2.93 -13.01
N GLU B 152 -9.70 2.83 -13.96
CA GLU B 152 -10.86 1.95 -13.77
C GLU B 152 -10.41 0.49 -13.58
N LYS B 153 -9.50 0.04 -14.45
CA LYS B 153 -8.97 -1.33 -14.37
C LYS B 153 -8.26 -1.54 -13.04
N ALA B 154 -7.39 -0.60 -12.67
CA ALA B 154 -6.74 -0.62 -11.36
C ALA B 154 -7.71 -0.63 -10.17
N VAL B 155 -8.76 0.20 -10.21
CA VAL B 155 -9.75 0.19 -9.14
C VAL B 155 -10.38 -1.19 -9.02
N LEU B 156 -10.88 -1.69 -10.14
CA LEU B 156 -11.71 -2.89 -10.12
C LEU B 156 -10.92 -4.16 -9.80
N SER B 157 -9.62 -4.13 -10.02
CA SER B 157 -8.77 -5.28 -9.74
CA SER B 157 -8.78 -5.29 -9.73
C SER B 157 -8.46 -5.40 -8.25
N ARG B 158 -8.70 -4.31 -7.50
CA ARG B 158 -8.43 -4.28 -6.07
C ARG B 158 -9.72 -4.31 -5.23
N VAL B 159 -10.77 -4.89 -5.78
CA VAL B 159 -12.08 -4.82 -5.18
C VAL B 159 -12.68 -6.23 -5.28
N PRO B 160 -13.54 -6.60 -4.31
CA PRO B 160 -14.15 -7.93 -4.34
C PRO B 160 -15.25 -7.97 -5.38
N GLU B 161 -15.44 -9.14 -5.99
CA GLU B 161 -16.42 -9.36 -7.02
C GLU B 161 -17.80 -8.96 -6.54
N ALA B 162 -18.07 -9.18 -5.26
CA ALA B 162 -19.39 -8.87 -4.70
C ALA B 162 -19.66 -7.36 -4.61
N PHE B 163 -18.62 -6.54 -4.64
CA PHE B 163 -18.83 -5.11 -4.46
C PHE B 163 -18.46 -4.36 -5.72
N VAL B 164 -18.31 -5.11 -6.81
CA VAL B 164 -17.72 -4.55 -8.02
C VAL B 164 -18.60 -3.44 -8.65
N GLU B 165 -19.92 -3.65 -8.71
CA GLU B 165 -20.85 -2.60 -9.14
C GLU B 165 -20.74 -1.30 -8.34
N LEU B 166 -20.74 -1.40 -7.01
CA LEU B 166 -20.66 -0.22 -6.14
C LEU B 166 -19.35 0.57 -6.32
N ASN B 167 -18.23 -0.12 -6.47
CA ASN B 167 -16.99 0.58 -6.73
C ASN B 167 -16.94 1.24 -8.11
N ARG B 168 -17.45 0.55 -9.14
CA ARG B 168 -17.55 1.18 -10.45
C ARG B 168 -18.35 2.48 -10.35
N LYS B 169 -19.50 2.40 -9.67
CA LYS B 169 -20.37 3.56 -9.45
C LYS B 169 -19.65 4.69 -8.68
N ALA B 170 -18.93 4.31 -7.63
CA ALA B 170 -18.20 5.29 -6.82
C ALA B 170 -17.16 5.99 -7.66
N PHE B 171 -16.42 5.20 -8.44
CA PHE B 171 -15.38 5.75 -9.29
C PHE B 171 -15.96 6.70 -10.34
N GLN B 172 -17.02 6.27 -11.01
CA GLN B 172 -17.67 7.07 -12.05
C GLN B 172 -18.18 8.38 -11.47
N MSE B 173 -18.85 8.29 -10.33
CA MSE B 173 -19.41 9.48 -9.68
C MSE B 173 -18.37 10.46 -9.17
O MSE B 173 -18.56 11.68 -9.28
CB MSE B 173 -20.34 9.08 -8.54
CG MSE B 173 -21.55 8.30 -9.01
SE MSE B 173 -23.02 8.39 -7.72
CE MSE B 173 -23.50 10.27 -7.97
N GLY B 174 -17.28 9.96 -8.59
CA GLY B 174 -16.18 10.82 -8.20
C GLY B 174 -15.72 11.60 -9.43
N PHE B 175 -15.53 10.85 -10.51
CA PHE B 175 -15.09 11.35 -11.79
C PHE B 175 -16.02 12.44 -12.30
N GLU B 176 -17.32 12.16 -12.32
CA GLU B 176 -18.30 13.09 -12.85
C GLU B 176 -18.36 14.38 -12.03
N LYS B 177 -18.50 14.23 -10.71
CA LYS B 177 -18.71 15.38 -9.81
C LYS B 177 -17.50 16.31 -9.75
N ALA B 178 -16.29 15.76 -9.75
CA ALA B 178 -15.11 16.60 -9.82
C ALA B 178 -15.11 17.50 -11.06
N LEU B 179 -15.48 16.94 -12.21
CA LEU B 179 -15.49 17.70 -13.44
C LEU B 179 -16.50 18.84 -13.32
N ALA B 180 -17.68 18.56 -12.75
CA ALA B 180 -18.73 19.54 -12.67
C ALA B 180 -18.50 20.55 -11.53
N ALA B 181 -17.76 20.17 -10.51
CA ALA B 181 -17.56 21.03 -9.35
C ALA B 181 -16.42 22.02 -9.56
N LYS B 182 -15.47 21.66 -10.41
CA LYS B 182 -14.28 22.48 -10.56
C LYS B 182 -14.59 23.85 -11.16
N LYS B 183 -13.67 24.80 -11.01
CA LYS B 183 -13.85 26.10 -11.64
C LYS B 183 -13.52 25.99 -13.13
S SO4 C . -0.66 -7.63 -3.44
O1 SO4 C . -1.46 -6.88 -2.48
O2 SO4 C . -0.74 -9.04 -3.11
O3 SO4 C . -1.22 -7.40 -4.77
O4 SO4 C . 0.73 -7.20 -3.44
S SO4 D . -5.45 3.36 5.52
O1 SO4 D . -6.87 3.13 5.75
O2 SO4 D . -4.87 2.13 5.01
O3 SO4 D . -5.24 4.42 4.54
O4 SO4 D . -4.80 3.77 6.76
#